data_1JBW
#
_entry.id   1JBW
#
_cell.length_a   53.1
_cell.length_b   45.6
_cell.length_c   82.7
_cell.angle_alpha   90
_cell.angle_beta   104.6
_cell.angle_gamma   90
#
_symmetry.space_group_name_H-M   'P 1 21 1'
#
loop_
_entity.id
_entity.type
_entity.pdbx_description
1 polymer 'FOLYLPOLYGLUTAMATE SYNTHASE'
2 non-polymer 'MAGNESIUM ION'
3 non-polymer 'DIPHOSPHOMETHYLPHOSPHONIC ACID ADENYLATE ESTER'
4 non-polymer '5,10-METHYLENE-6-HYDROFOLIC ACID'
5 water water
#
_entity_poly.entity_id   1
_entity_poly.type   'polypeptide(L)'
_entity_poly.pdbx_seq_one_letter_code
;MNYTETVAYIHSFPRLAKTGDHRRILTLLHALGNPQQQGRYIHVTGTNGKGSAANAIAHVLEASGLTVGLYTSPFIMRFN
ERIMIDHEPIPDAALVNAVAFVRAALERLQQQQADFNVTEFEFITALAYWYFRQRQVDVAVIEVGIGGDTDSTNVITPVV
SVLTEVALDHQKLLGHTITAIAKH(KCX)AGIIKRGIPVVTGNLVPDAAAVVAAKVATTGSQWLRFDRDFSVPKAKLHGW
GQRFTYEDQDGRISDLEVPLVGDYQQRNMAIAIQTAKVYAKQTEWPLTPQNIRQGLAASHWPARLEKISDTPLIVIDGAH
NPDGINGLITALKQLFSQPITVIAGILADKDYAAMADRLTAAFSTVYLVPVPGTPRALPEAGYEALHEGRLKDSWQEALA
ASLNDVPDQPIVITGSLYLASAVRQTLLGGKS
;
_entity_poly.pdbx_strand_id   A
#
loop_
_chem_comp.id
_chem_comp.type
_chem_comp.name
_chem_comp.formula
ACQ non-polymer 'DIPHOSPHOMETHYLPHOSPHONIC ACID ADENYLATE ESTER' 'C11 H19 N5 O15 P4'
MG non-polymer 'MAGNESIUM ION' 'Mg 2'
TMF non-polymer '5,10-METHYLENE-6-HYDROFOLIC ACID' 'C20 H21 N7 O6'
#
# COMPACT_ATOMS: atom_id res chain seq x y z
N MET A 1 -13.06 -9.57 26.16
CA MET A 1 -12.21 -8.34 26.00
C MET A 1 -12.95 -7.23 25.33
N ASN A 2 -12.63 -6.00 25.72
CA ASN A 2 -13.23 -4.80 25.17
C ASN A 2 -12.35 -4.41 23.97
N TYR A 3 -12.69 -3.31 23.30
CA TYR A 3 -11.93 -2.85 22.13
C TYR A 3 -10.45 -2.54 22.41
N THR A 4 -10.19 -1.76 23.45
CA THR A 4 -8.81 -1.41 23.76
C THR A 4 -7.96 -2.63 24.06
N GLU A 5 -8.47 -3.54 24.86
CA GLU A 5 -7.76 -4.76 25.22
C GLU A 5 -7.54 -5.62 23.96
N THR A 6 -8.58 -5.74 23.14
CA THR A 6 -8.50 -6.48 21.88
C THR A 6 -7.33 -6.02 21.01
N VAL A 7 -7.25 -4.70 20.80
CA VAL A 7 -6.17 -4.19 19.98
C VAL A 7 -4.84 -4.51 20.66
N ALA A 8 -4.73 -4.27 21.97
CA ALA A 8 -3.51 -4.57 22.70
C ALA A 8 -3.18 -6.06 22.54
N TYR A 9 -4.22 -6.91 22.49
CA TYR A 9 -4.02 -8.35 22.31
C TYR A 9 -3.41 -8.63 20.93
N ILE A 10 -3.94 -7.98 19.91
CA ILE A 10 -3.40 -8.14 18.56
C ILE A 10 -1.90 -7.75 18.52
N HIS A 11 -1.53 -6.65 19.20
CA HIS A 11 -0.13 -6.17 19.25
C HIS A 11 0.80 -6.93 20.18
N SER A 12 0.28 -7.96 20.85
CA SER A 12 1.08 -8.74 21.76
C SER A 12 1.67 -9.98 21.09
N PHE A 13 1.31 -10.27 19.84
CA PHE A 13 1.83 -11.46 19.20
C PHE A 13 3.35 -11.50 18.95
N PRO A 14 3.94 -12.69 19.05
CA PRO A 14 5.38 -12.89 18.86
C PRO A 14 5.87 -12.76 17.44
N ARG A 15 7.17 -12.50 17.29
CA ARG A 15 7.84 -12.36 16.00
C ARG A 15 8.49 -13.72 15.79
N LEU A 16 7.86 -14.57 15.01
CA LEU A 16 8.38 -15.91 14.77
C LEU A 16 9.30 -15.99 13.56
N ALA A 17 10.01 -17.12 13.45
CA ALA A 17 10.92 -17.35 12.33
C ALA A 17 10.11 -17.12 11.08
N LYS A 18 10.80 -17.03 9.94
CA LYS A 18 10.15 -16.78 8.65
C LYS A 18 10.21 -17.95 7.67
N THR A 19 9.52 -19.03 7.99
CA THR A 19 9.44 -20.22 7.14
C THR A 19 9.20 -19.90 5.64
N GLY A 20 8.07 -19.24 5.34
CA GLY A 20 7.74 -18.89 3.96
C GLY A 20 6.93 -19.95 3.22
N ASP A 21 6.49 -20.95 3.99
CA ASP A 21 5.70 -22.07 3.50
C ASP A 21 4.25 -21.93 3.97
N HIS A 22 4.01 -20.81 4.66
CA HIS A 22 2.68 -20.44 5.20
C HIS A 22 2.01 -21.52 6.06
N ARG A 23 2.75 -22.43 6.67
CA ARG A 23 2.08 -23.46 7.45
C ARG A 23 1.38 -22.92 8.69
N ARG A 24 1.96 -21.92 9.35
CA ARG A 24 1.31 -21.39 10.54
C ARG A 24 -0.05 -20.75 10.22
N ILE A 25 -0.09 -19.85 9.25
CA ILE A 25 -1.35 -19.20 8.93
C ILE A 25 -2.35 -20.18 8.31
N LEU A 26 -1.85 -21.16 7.57
CA LEU A 26 -2.74 -22.13 6.94
C LEU A 26 -3.36 -22.99 8.02
N THR A 27 -2.64 -23.18 9.12
CA THR A 27 -3.18 -23.94 10.22
C THR A 27 -4.29 -23.14 10.89
N LEU A 28 -4.04 -21.87 11.14
CA LEU A 28 -5.07 -21.04 11.77
C LEU A 28 -6.26 -20.96 10.83
N LEU A 29 -6.00 -20.66 9.56
CA LEU A 29 -7.06 -20.53 8.58
C LEU A 29 -7.95 -21.77 8.48
N HIS A 30 -7.31 -22.93 8.49
CA HIS A 30 -8.06 -24.16 8.40
C HIS A 30 -9.09 -24.21 9.53
N ALA A 31 -8.66 -23.83 10.72
CA ALA A 31 -9.52 -23.83 11.89
C ALA A 31 -10.61 -22.78 11.77
N LEU A 32 -10.44 -21.86 10.83
CA LEU A 32 -11.42 -20.80 10.64
C LEU A 32 -12.31 -21.15 9.47
N GLY A 33 -12.18 -22.39 9.01
CA GLY A 33 -12.98 -22.87 7.90
C GLY A 33 -12.50 -22.48 6.50
N ASN A 34 -11.20 -22.21 6.36
CA ASN A 34 -10.59 -21.84 5.09
C ASN A 34 -11.25 -20.70 4.28
N PRO A 35 -11.59 -19.58 4.94
CA PRO A 35 -12.22 -18.46 4.22
C PRO A 35 -11.44 -17.93 3.02
N GLN A 36 -10.12 -18.12 3.03
CA GLN A 36 -9.24 -17.67 1.95
C GLN A 36 -9.48 -18.40 0.64
N GLN A 37 -10.11 -19.57 0.73
CA GLN A 37 -10.41 -20.38 -0.44
C GLN A 37 -11.77 -20.09 -1.04
N GLN A 38 -12.50 -19.18 -0.42
CA GLN A 38 -13.84 -18.83 -0.89
C GLN A 38 -13.85 -17.40 -1.33
N GLY A 39 -14.79 -17.08 -2.22
CA GLY A 39 -14.88 -15.73 -2.70
C GLY A 39 -13.84 -15.40 -3.77
N ARG A 40 -13.66 -14.11 -4.03
CA ARG A 40 -12.74 -13.63 -5.06
C ARG A 40 -11.74 -12.62 -4.52
N TYR A 41 -10.59 -12.53 -5.17
CA TYR A 41 -9.55 -11.61 -4.72
C TYR A 41 -8.79 -10.88 -5.81
N ILE A 42 -8.17 -9.78 -5.41
CA ILE A 42 -7.28 -8.99 -6.27
C ILE A 42 -6.05 -8.87 -5.35
N HIS A 43 -4.90 -9.35 -5.81
CA HIS A 43 -3.67 -9.38 -5.01
C HIS A 43 -2.73 -8.28 -5.51
N VAL A 44 -2.29 -7.41 -4.60
CA VAL A 44 -1.46 -6.29 -4.97
C VAL A 44 -0.10 -6.26 -4.28
N THR A 45 0.95 -6.17 -5.09
CA THR A 45 2.29 -6.11 -4.54
C THR A 45 3.09 -5.02 -5.27
N GLY A 46 4.32 -4.80 -4.82
CA GLY A 46 5.16 -3.79 -5.43
C GLY A 46 5.96 -3.03 -4.39
N THR A 47 7.11 -2.48 -4.78
CA THR A 47 7.92 -1.77 -3.80
C THR A 47 7.21 -0.54 -3.24
N ASN A 48 6.73 0.33 -4.13
CA ASN A 48 6.00 1.55 -3.78
C ASN A 48 4.70 1.63 -4.57
N GLY A 49 3.65 2.16 -3.95
CA GLY A 49 2.38 2.30 -4.66
C GLY A 49 1.31 1.22 -4.47
N LYS A 50 1.60 0.23 -3.64
CA LYS A 50 0.66 -0.85 -3.39
C LYS A 50 -0.66 -0.31 -2.84
N GLY A 51 -0.56 0.41 -1.72
CA GLY A 51 -1.76 0.94 -1.10
C GLY A 51 -2.56 1.91 -1.96
N SER A 52 -1.89 2.86 -2.60
CA SER A 52 -2.58 3.84 -3.44
C SER A 52 -3.31 3.10 -4.57
N ALA A 53 -2.65 2.12 -5.17
CA ALA A 53 -3.28 1.34 -6.22
C ALA A 53 -4.45 0.53 -5.65
N ALA A 54 -4.20 -0.20 -4.57
CA ALA A 54 -5.24 -1.01 -3.94
C ALA A 54 -6.46 -0.16 -3.56
N ASN A 55 -6.20 0.99 -2.95
CA ASN A 55 -7.26 1.90 -2.54
C ASN A 55 -8.14 2.32 -3.72
N ALA A 56 -7.52 2.67 -4.83
CA ALA A 56 -8.29 3.09 -6.01
C ALA A 56 -9.04 1.92 -6.67
N ILE A 57 -8.40 0.76 -6.78
CA ILE A 57 -9.07 -0.38 -7.39
C ILE A 57 -10.37 -0.61 -6.62
N ALA A 58 -10.28 -0.59 -5.28
CA ALA A 58 -11.46 -0.77 -4.45
C ALA A 58 -12.50 0.32 -4.72
N HIS A 59 -12.09 1.59 -4.79
CA HIS A 59 -13.06 2.67 -5.06
C HIS A 59 -13.80 2.51 -6.40
N VAL A 60 -13.06 2.14 -7.44
CA VAL A 60 -13.65 1.94 -8.77
C VAL A 60 -14.64 0.78 -8.77
N LEU A 61 -14.26 -0.37 -8.20
CA LEU A 61 -15.18 -1.50 -8.17
C LEU A 61 -16.37 -1.23 -7.26
N GLU A 62 -16.16 -0.41 -6.23
CA GLU A 62 -17.22 -0.04 -5.31
C GLU A 62 -18.20 0.85 -6.08
N ALA A 63 -17.67 1.78 -6.86
CA ALA A 63 -18.52 2.66 -7.65
C ALA A 63 -19.41 1.87 -8.61
N SER A 64 -18.90 0.76 -9.16
CA SER A 64 -19.68 -0.08 -10.07
C SER A 64 -20.75 -0.94 -9.36
N GLY A 65 -20.86 -0.83 -8.03
CA GLY A 65 -21.89 -1.56 -7.32
C GLY A 65 -21.50 -2.86 -6.64
N LEU A 66 -20.21 -3.10 -6.47
CA LEU A 66 -19.74 -4.31 -5.79
C LEU A 66 -19.43 -3.99 -4.31
N THR A 67 -19.51 -4.99 -3.43
CA THR A 67 -19.19 -4.82 -2.01
C THR A 67 -17.74 -5.28 -1.97
N VAL A 68 -16.84 -4.39 -1.57
CA VAL A 68 -15.42 -4.68 -1.58
C VAL A 68 -14.64 -4.62 -0.27
N GLY A 69 -13.92 -5.71 0.00
CA GLY A 69 -13.06 -5.76 1.17
C GLY A 69 -11.73 -5.17 0.74
N LEU A 70 -11.10 -4.42 1.64
CA LEU A 70 -9.81 -3.82 1.32
C LEU A 70 -8.91 -4.11 2.51
N TYR A 71 -7.77 -4.73 2.25
CA TYR A 71 -6.84 -5.07 3.32
C TYR A 71 -5.50 -4.39 3.03
N THR A 72 -5.18 -3.38 3.82
CA THR A 72 -3.96 -2.63 3.59
C THR A 72 -3.19 -2.38 4.88
N SER A 73 -1.96 -1.91 4.74
CA SER A 73 -1.08 -1.62 5.86
C SER A 73 -0.01 -0.62 5.41
N PRO A 74 0.48 0.22 6.34
CA PRO A 74 0.08 0.25 7.75
C PRO A 74 -1.14 1.15 7.97
N PHE A 75 -1.72 1.12 9.17
CA PHE A 75 -2.85 2.01 9.41
C PHE A 75 -2.22 3.38 9.63
N ILE A 76 -3.00 4.44 9.42
CA ILE A 76 -2.50 5.80 9.54
C ILE A 76 -3.00 6.48 10.81
N MET A 77 -4.32 6.47 11.02
CA MET A 77 -4.90 7.08 12.23
C MET A 77 -5.21 6.01 13.28
N ARG A 78 -5.90 4.95 12.88
CA ARG A 78 -6.18 3.88 13.83
C ARG A 78 -6.22 2.51 13.20
N PHE A 79 -5.95 1.50 14.01
CA PHE A 79 -5.89 0.09 13.61
C PHE A 79 -6.98 -0.40 12.65
N ASN A 80 -8.23 -0.12 12.98
CA ASN A 80 -9.40 -0.54 12.20
C ASN A 80 -9.26 -0.30 10.67
N GLU A 81 -8.49 0.71 10.28
CA GLU A 81 -8.29 1.02 8.87
C GLU A 81 -7.72 -0.14 8.06
N ARG A 82 -7.07 -1.08 8.74
CA ARG A 82 -6.48 -2.20 8.04
C ARG A 82 -7.46 -3.11 7.35
N ILE A 83 -8.68 -3.18 7.86
CA ILE A 83 -9.69 -4.04 7.25
C ILE A 83 -10.92 -3.18 6.99
N MET A 84 -11.17 -2.87 5.73
CA MET A 84 -12.32 -2.06 5.35
C MET A 84 -13.26 -2.77 4.41
N ILE A 85 -14.54 -2.43 4.47
CA ILE A 85 -15.51 -3.01 3.53
C ILE A 85 -16.23 -1.78 3.00
N ASP A 86 -16.18 -1.60 1.69
CA ASP A 86 -16.76 -0.42 1.05
C ASP A 86 -16.20 0.81 1.76
N HIS A 87 -14.89 0.76 2.02
CA HIS A 87 -14.14 1.81 2.71
C HIS A 87 -14.55 2.23 4.12
N GLU A 88 -15.24 1.34 4.83
CA GLU A 88 -15.58 1.65 6.21
C GLU A 88 -14.71 0.72 7.02
N PRO A 89 -13.85 1.24 7.92
CA PRO A 89 -13.00 0.38 8.75
C PRO A 89 -13.89 -0.52 9.60
N ILE A 90 -13.38 -1.70 9.91
CA ILE A 90 -14.15 -2.64 10.70
C ILE A 90 -14.56 -1.93 12.00
N PRO A 91 -15.87 -1.98 12.34
CA PRO A 91 -16.40 -1.35 13.56
C PRO A 91 -15.73 -1.91 14.81
N ASP A 92 -15.52 -1.05 15.83
CA ASP A 92 -14.85 -1.49 17.06
C ASP A 92 -15.47 -2.76 17.61
N ALA A 93 -16.79 -2.76 17.76
CA ALA A 93 -17.52 -3.91 18.28
C ALA A 93 -17.30 -5.16 17.45
N ALA A 94 -17.29 -4.98 16.13
CA ALA A 94 -17.11 -6.08 15.21
C ALA A 94 -15.69 -6.65 15.33
N LEU A 95 -14.70 -5.77 15.56
CA LEU A 95 -13.33 -6.24 15.71
C LEU A 95 -13.21 -7.04 17.02
N VAL A 96 -13.91 -6.58 18.05
CA VAL A 96 -13.89 -7.29 19.33
C VAL A 96 -14.41 -8.71 19.13
N ASN A 97 -15.55 -8.84 18.46
CA ASN A 97 -16.13 -10.17 18.23
C ASN A 97 -15.28 -11.04 17.31
N ALA A 98 -14.62 -10.41 16.34
CA ALA A 98 -13.77 -11.10 15.38
C ALA A 98 -12.51 -11.63 16.09
N VAL A 99 -11.85 -10.76 16.85
CA VAL A 99 -10.68 -11.13 17.61
C VAL A 99 -11.03 -12.29 18.56
N ALA A 100 -12.23 -12.25 19.16
CA ALA A 100 -12.62 -13.34 20.04
C ALA A 100 -12.82 -14.65 19.30
N PHE A 101 -13.39 -14.60 18.10
CA PHE A 101 -13.60 -15.83 17.34
C PHE A 101 -12.24 -16.44 16.98
N VAL A 102 -11.36 -15.64 16.40
CA VAL A 102 -10.04 -16.15 16.02
C VAL A 102 -9.24 -16.64 17.24
N ARG A 103 -9.28 -15.87 18.34
CA ARG A 103 -8.59 -16.27 19.57
C ARG A 103 -9.08 -17.64 20.03
N ALA A 104 -10.41 -17.81 20.05
CA ALA A 104 -10.97 -19.09 20.46
C ALA A 104 -10.42 -20.23 19.58
N ALA A 105 -10.43 -20.07 18.26
CA ALA A 105 -9.92 -21.10 17.36
C ALA A 105 -8.41 -21.35 17.62
N LEU A 106 -7.68 -20.26 17.83
CA LEU A 106 -6.26 -20.33 18.12
C LEU A 106 -6.07 -21.18 19.38
N GLU A 107 -6.89 -20.89 20.40
CA GLU A 107 -6.81 -21.62 21.64
C GLU A 107 -7.02 -23.13 21.44
N ARG A 108 -8.03 -23.49 20.64
CA ARG A 108 -8.29 -24.91 20.37
C ARG A 108 -7.07 -25.57 19.70
N LEU A 109 -6.38 -24.81 18.85
CA LEU A 109 -5.22 -25.35 18.16
C LEU A 109 -4.07 -25.59 19.16
N GLN A 110 -3.93 -24.67 20.10
CA GLN A 110 -2.88 -24.78 21.10
C GLN A 110 -3.20 -25.90 22.06
N GLN A 111 -4.49 -26.15 22.31
CA GLN A 111 -4.81 -27.27 23.18
C GLN A 111 -4.53 -28.63 22.51
N GLN A 112 -4.35 -28.63 21.19
CA GLN A 112 -4.06 -29.85 20.49
C GLN A 112 -2.55 -29.90 20.15
N GLN A 113 -1.93 -28.74 19.97
CA GLN A 113 -0.50 -28.61 19.62
C GLN A 113 0.08 -27.58 20.58
N ALA A 114 0.49 -28.07 21.75
CA ALA A 114 1.01 -27.21 22.81
C ALA A 114 1.89 -26.02 22.48
N ASP A 115 2.77 -26.10 21.49
CA ASP A 115 3.61 -24.92 21.20
C ASP A 115 3.27 -24.21 19.89
N PHE A 116 2.02 -24.31 19.46
CA PHE A 116 1.63 -23.65 18.23
C PHE A 116 1.37 -22.15 18.44
N ASN A 117 1.71 -21.37 17.43
CA ASN A 117 1.46 -19.93 17.50
C ASN A 117 1.58 -19.24 16.16
N VAL A 118 1.13 -17.99 16.11
CA VAL A 118 1.20 -17.22 14.88
C VAL A 118 1.78 -15.85 15.17
N THR A 119 2.20 -15.16 14.12
CA THR A 119 2.75 -13.81 14.25
C THR A 119 1.59 -12.83 14.25
N GLU A 120 1.88 -11.58 14.55
CA GLU A 120 0.84 -10.58 14.57
C GLU A 120 0.22 -10.41 13.18
N PHE A 121 1.06 -10.33 12.14
CA PHE A 121 0.49 -10.17 10.81
C PHE A 121 -0.30 -11.41 10.39
N GLU A 122 0.12 -12.58 10.85
CA GLU A 122 -0.60 -13.81 10.50
C GLU A 122 -1.96 -13.84 11.13
N PHE A 123 -2.05 -13.37 12.37
CA PHE A 123 -3.33 -13.35 13.06
C PHE A 123 -4.28 -12.41 12.34
N ILE A 124 -3.80 -11.20 12.06
CA ILE A 124 -4.59 -10.17 11.40
C ILE A 124 -5.05 -10.57 10.00
N THR A 125 -4.17 -11.20 9.24
CA THR A 125 -4.52 -11.64 7.90
C THR A 125 -5.62 -12.71 7.93
N ALA A 126 -5.48 -13.66 8.83
CA ALA A 126 -6.47 -14.73 8.93
C ALA A 126 -7.82 -14.12 9.35
N LEU A 127 -7.76 -13.22 10.33
CA LEU A 127 -8.98 -12.54 10.80
C LEU A 127 -9.63 -11.77 9.64
N ALA A 128 -8.82 -11.08 8.85
CA ALA A 128 -9.30 -10.32 7.71
C ALA A 128 -9.97 -11.26 6.68
N TYR A 129 -9.31 -12.35 6.30
CA TYR A 129 -9.90 -13.28 5.35
C TYR A 129 -11.23 -13.83 5.87
N TRP A 130 -11.28 -14.16 7.15
CA TRP A 130 -12.49 -14.69 7.76
C TRP A 130 -13.57 -13.62 7.76
N TYR A 131 -13.19 -12.40 8.13
CA TYR A 131 -14.14 -11.28 8.17
C TYR A 131 -14.74 -11.02 6.79
N PHE A 132 -13.90 -10.95 5.76
CA PHE A 132 -14.41 -10.70 4.40
C PHE A 132 -15.42 -11.78 3.96
N ARG A 133 -15.21 -13.03 4.36
CA ARG A 133 -16.16 -14.07 3.99
C ARG A 133 -17.44 -13.96 4.83
N GLN A 134 -17.29 -13.67 6.13
CA GLN A 134 -18.45 -13.53 7.00
C GLN A 134 -19.40 -12.50 6.40
N ARG A 135 -18.84 -11.36 5.99
CA ARG A 135 -19.62 -10.28 5.39
C ARG A 135 -19.92 -10.56 3.90
N GLN A 136 -19.46 -11.69 3.39
CA GLN A 136 -19.68 -12.06 2.00
C GLN A 136 -19.42 -10.95 1.00
N VAL A 137 -18.23 -10.40 1.02
CA VAL A 137 -17.89 -9.34 0.06
C VAL A 137 -17.79 -10.01 -1.32
N ASP A 138 -18.02 -9.24 -2.37
CA ASP A 138 -17.92 -9.78 -3.73
C ASP A 138 -16.47 -10.04 -4.09
N VAL A 139 -15.60 -9.19 -3.55
CA VAL A 139 -14.18 -9.30 -3.81
C VAL A 139 -13.39 -8.58 -2.72
N ALA A 140 -12.21 -9.10 -2.44
CA ALA A 140 -11.32 -8.53 -1.45
C ALA A 140 -10.01 -8.11 -2.13
N VAL A 141 -9.64 -6.84 -1.97
CA VAL A 141 -8.40 -6.32 -2.52
C VAL A 141 -7.38 -6.48 -1.40
N ILE A 142 -6.38 -7.31 -1.67
CA ILE A 142 -5.37 -7.66 -0.69
C ILE A 142 -3.99 -7.09 -0.97
N GLU A 143 -3.51 -6.25 -0.05
CA GLU A 143 -2.18 -5.66 -0.18
C GLU A 143 -1.19 -6.60 0.51
N VAL A 144 -0.17 -7.00 -0.24
CA VAL A 144 0.87 -7.88 0.29
C VAL A 144 1.64 -7.09 1.35
N GLY A 145 1.97 -7.73 2.47
CA GLY A 145 2.74 -7.10 3.53
C GLY A 145 4.15 -6.75 3.02
N ILE A 146 4.94 -7.77 2.68
CA ILE A 146 6.30 -7.58 2.12
C ILE A 146 6.55 -8.71 1.12
N GLY A 147 7.29 -8.41 0.05
CA GLY A 147 7.61 -9.41 -0.96
C GLY A 147 6.44 -9.85 -1.79
N GLY A 148 6.21 -11.16 -1.88
CA GLY A 148 5.09 -11.67 -2.67
C GLY A 148 4.84 -13.14 -2.43
N ASP A 149 5.81 -13.98 -2.81
CA ASP A 149 5.68 -15.42 -2.63
C ASP A 149 5.57 -15.86 -1.15
N THR A 150 6.42 -15.32 -0.29
CA THR A 150 6.38 -15.73 1.12
C THR A 150 5.55 -14.90 2.08
N ASP A 151 4.80 -13.93 1.56
CA ASP A 151 3.97 -13.11 2.42
C ASP A 151 2.84 -13.97 3.02
N SER A 152 2.41 -13.62 4.22
CA SER A 152 1.33 -14.35 4.89
C SER A 152 0.03 -14.29 4.08
N THR A 153 -0.11 -13.25 3.27
CA THR A 153 -1.34 -13.13 2.48
C THR A 153 -1.37 -14.08 1.29
N ASN A 154 -0.22 -14.64 0.93
CA ASN A 154 -0.16 -15.49 -0.26
C ASN A 154 -0.67 -16.90 -0.09
N VAL A 155 -1.95 -17.01 0.17
CA VAL A 155 -2.61 -18.29 0.37
C VAL A 155 -3.93 -18.26 -0.39
N ILE A 156 -3.97 -17.41 -1.42
CA ILE A 156 -5.16 -17.21 -2.24
C ILE A 156 -4.91 -17.30 -3.74
N THR A 157 -5.96 -17.51 -4.52
CA THR A 157 -5.85 -17.52 -5.96
C THR A 157 -6.72 -16.32 -6.35
N PRO A 158 -6.12 -15.26 -6.87
CA PRO A 158 -6.93 -14.10 -7.24
C PRO A 158 -7.48 -14.13 -8.66
N VAL A 159 -8.32 -13.14 -8.97
CA VAL A 159 -8.88 -12.99 -10.30
C VAL A 159 -7.81 -12.28 -11.11
N VAL A 160 -7.09 -11.38 -10.45
CA VAL A 160 -6.01 -10.65 -11.09
C VAL A 160 -4.93 -10.20 -10.08
N SER A 161 -3.67 -10.24 -10.52
CA SER A 161 -2.53 -9.84 -9.70
C SER A 161 -2.02 -8.47 -10.17
N VAL A 162 -1.38 -7.75 -9.27
CA VAL A 162 -0.86 -6.44 -9.60
C VAL A 162 0.53 -6.32 -9.00
N LEU A 163 1.46 -5.82 -9.81
CA LEU A 163 2.82 -5.59 -9.36
C LEU A 163 3.10 -4.15 -9.84
N THR A 164 2.94 -3.20 -8.94
CA THR A 164 3.12 -1.79 -9.29
C THR A 164 4.51 -1.43 -9.79
N GLU A 165 5.52 -1.83 -9.04
CA GLU A 165 6.87 -1.47 -9.40
C GLU A 165 7.88 -2.27 -8.57
N VAL A 166 9.12 -2.32 -9.08
CA VAL A 166 10.21 -2.99 -8.39
C VAL A 166 11.37 -2.02 -8.29
N ALA A 167 11.78 -1.74 -7.04
CA ALA A 167 12.91 -0.85 -6.75
C ALA A 167 13.57 -1.46 -5.52
N LEU A 168 14.83 -1.08 -5.27
CA LEU A 168 15.55 -1.61 -4.11
C LEU A 168 14.95 -1.09 -2.81
N ASP A 169 14.63 -2.03 -1.90
CA ASP A 169 14.01 -1.80 -0.58
C ASP A 169 13.86 -3.20 0.06
N HIS A 170 13.96 -3.29 1.38
CA HIS A 170 13.80 -4.58 2.09
C HIS A 170 14.81 -5.65 1.67
N GLN A 171 16.09 -5.29 1.50
CA GLN A 171 17.12 -6.26 1.09
C GLN A 171 17.39 -7.47 2.01
N LYS A 172 17.45 -7.27 3.33
CA LYS A 172 17.72 -8.40 4.22
C LYS A 172 16.52 -9.36 4.30
N LEU A 173 15.59 -9.18 3.37
CA LEU A 173 14.39 -10.00 3.30
C LEU A 173 14.11 -10.47 1.87
N LEU A 174 14.13 -9.55 0.91
CA LEU A 174 13.81 -9.87 -0.48
C LEU A 174 14.96 -10.13 -1.45
N GLY A 175 16.10 -9.46 -1.21
CA GLY A 175 17.26 -9.62 -2.07
C GLY A 175 18.05 -8.32 -2.18
N HIS A 176 19.27 -8.39 -2.73
CA HIS A 176 20.15 -7.22 -2.86
C HIS A 176 20.22 -6.66 -4.29
N THR A 177 19.53 -7.33 -5.22
CA THR A 177 19.50 -6.90 -6.62
C THR A 177 18.01 -6.75 -7.06
N ILE A 178 17.76 -6.01 -8.13
CA ILE A 178 16.37 -5.85 -8.61
C ILE A 178 15.86 -7.24 -9.03
N THR A 179 16.70 -7.98 -9.75
CA THR A 179 16.35 -9.33 -10.16
C THR A 179 15.87 -10.19 -8.99
N ALA A 180 16.63 -10.19 -7.90
CA ALA A 180 16.25 -10.94 -6.73
C ALA A 180 14.90 -10.48 -6.16
N ILE A 181 14.77 -9.17 -5.92
CA ILE A 181 13.54 -8.63 -5.38
C ILE A 181 12.38 -8.94 -6.30
N ALA A 182 12.63 -8.78 -7.61
CA ALA A 182 11.63 -9.03 -8.63
C ALA A 182 11.10 -10.46 -8.59
N LYS A 183 11.99 -11.43 -8.45
CA LYS A 183 11.57 -12.82 -8.38
C LYS A 183 10.62 -13.06 -7.21
N HIS A 184 10.85 -12.35 -6.10
CA HIS A 184 9.96 -12.53 -4.95
C HIS A 184 8.58 -11.99 -5.23
N KCX A 185 8.54 -10.81 -5.85
CA KCX A 185 7.28 -10.17 -6.19
CB KCX A 185 7.52 -8.77 -6.74
CG KCX A 185 8.42 -7.92 -5.90
CD KCX A 185 7.80 -7.46 -4.60
CE KCX A 185 8.14 -6.01 -4.40
NZ KCX A 185 8.34 -5.65 -2.99
C KCX A 185 6.50 -10.98 -7.20
O KCX A 185 5.30 -11.19 -7.07
CX KCX A 185 7.40 -5.70 -2.05
OQ1 KCX A 185 7.66 -5.36 -0.86
OQ2 KCX A 185 6.22 -6.09 -2.30
N ALA A 186 7.19 -11.46 -8.24
CA ALA A 186 6.52 -12.26 -9.28
C ALA A 186 5.82 -13.52 -8.73
N GLY A 187 6.14 -13.87 -7.49
CA GLY A 187 5.52 -15.02 -6.84
C GLY A 187 4.00 -14.91 -6.66
N ILE A 188 3.42 -13.72 -6.78
CA ILE A 188 1.96 -13.64 -6.63
C ILE A 188 1.24 -13.83 -7.97
N ILE A 189 2.04 -14.09 -9.00
CA ILE A 189 1.53 -14.32 -10.34
C ILE A 189 1.21 -15.80 -10.38
N LYS A 190 -0.03 -16.13 -10.71
CA LYS A 190 -0.50 -17.52 -10.70
C LYS A 190 -0.92 -18.04 -12.09
N ARG A 191 -0.96 -19.37 -12.24
CA ARG A 191 -1.33 -19.95 -13.54
C ARG A 191 -2.61 -19.39 -14.14
N GLY A 192 -2.51 -18.95 -15.41
CA GLY A 192 -3.65 -18.40 -16.11
C GLY A 192 -4.26 -17.11 -15.54
N ILE A 193 -3.67 -16.56 -14.49
CA ILE A 193 -4.24 -15.33 -13.91
C ILE A 193 -3.56 -14.06 -14.45
N PRO A 194 -4.36 -13.14 -15.00
CA PRO A 194 -3.71 -11.93 -15.51
C PRO A 194 -2.97 -11.13 -14.45
N VAL A 195 -1.94 -10.44 -14.91
CA VAL A 195 -1.14 -9.59 -14.04
C VAL A 195 -1.02 -8.22 -14.68
N VAL A 196 -1.24 -7.19 -13.87
CA VAL A 196 -1.16 -5.80 -14.35
C VAL A 196 0.04 -5.19 -13.64
N THR A 197 0.96 -4.59 -14.39
CA THR A 197 2.14 -4.02 -13.77
C THR A 197 2.45 -2.61 -14.22
N GLY A 198 3.30 -1.93 -13.45
CA GLY A 198 3.72 -0.59 -13.82
C GLY A 198 4.79 -0.74 -14.89
N ASN A 199 5.49 0.35 -15.20
CA ASN A 199 6.55 0.35 -16.22
C ASN A 199 7.76 -0.14 -15.43
N LEU A 200 8.18 -1.37 -15.67
CA LEU A 200 9.30 -1.97 -14.92
C LEU A 200 10.66 -1.80 -15.56
N VAL A 201 11.67 -1.53 -14.73
CA VAL A 201 13.02 -1.38 -15.26
C VAL A 201 13.36 -2.72 -15.90
N PRO A 202 14.13 -2.69 -16.99
CA PRO A 202 14.56 -3.87 -17.73
C PRO A 202 14.77 -5.16 -16.97
N ASP A 203 15.63 -5.14 -15.95
CA ASP A 203 15.88 -6.35 -15.16
C ASP A 203 14.62 -6.98 -14.61
N ALA A 204 13.75 -6.15 -14.07
CA ALA A 204 12.50 -6.62 -13.51
C ALA A 204 11.55 -7.08 -14.62
N ALA A 205 11.54 -6.38 -15.74
CA ALA A 205 10.66 -6.77 -16.84
C ALA A 205 10.95 -8.18 -17.31
N ALA A 206 12.23 -8.52 -17.35
CA ALA A 206 12.69 -9.83 -17.79
C ALA A 206 12.24 -10.93 -16.84
N VAL A 207 12.29 -10.65 -15.55
CA VAL A 207 11.84 -11.66 -14.58
C VAL A 207 10.35 -11.91 -14.79
N VAL A 208 9.59 -10.83 -14.96
CA VAL A 208 8.14 -10.96 -15.15
C VAL A 208 7.76 -11.62 -16.49
N ALA A 209 8.47 -11.28 -17.56
CA ALA A 209 8.17 -11.88 -18.85
C ALA A 209 8.40 -13.37 -18.70
N ALA A 210 9.48 -13.73 -18.01
CA ALA A 210 9.83 -15.13 -17.80
C ALA A 210 8.74 -15.84 -17.01
N LYS A 211 8.23 -15.19 -15.97
CA LYS A 211 7.19 -15.79 -15.14
C LYS A 211 5.88 -15.99 -15.89
N VAL A 212 5.41 -14.96 -16.61
CA VAL A 212 4.16 -15.03 -17.36
C VAL A 212 4.25 -16.11 -18.44
N ALA A 213 5.47 -16.35 -18.93
CA ALA A 213 5.68 -17.39 -19.92
C ALA A 213 5.34 -18.73 -19.26
N THR A 214 5.86 -18.94 -18.05
CA THR A 214 5.56 -20.19 -17.34
C THR A 214 4.10 -20.28 -16.88
N THR A 215 3.50 -19.19 -16.43
CA THR A 215 2.12 -19.27 -15.98
C THR A 215 1.10 -19.07 -17.10
N GLY A 216 1.55 -18.59 -18.25
CA GLY A 216 0.65 -18.32 -19.36
C GLY A 216 -0.31 -17.18 -19.06
N SER A 217 0.03 -16.34 -18.09
CA SER A 217 -0.80 -15.19 -17.69
C SER A 217 -0.82 -14.06 -18.72
N GLN A 218 -1.97 -13.40 -18.88
CA GLN A 218 -2.02 -12.24 -19.78
C GLN A 218 -1.31 -11.14 -18.98
N TRP A 219 -0.42 -10.41 -19.63
CA TRP A 219 0.34 -9.37 -18.95
C TRP A 219 0.11 -7.99 -19.56
N LEU A 220 -0.45 -7.09 -18.75
CA LEU A 220 -0.73 -5.72 -19.15
C LEU A 220 0.25 -4.84 -18.41
N ARG A 221 1.04 -4.07 -19.17
CA ARG A 221 2.10 -3.23 -18.64
C ARG A 221 1.88 -1.75 -18.91
N PHE A 222 2.11 -0.88 -17.92
CA PHE A 222 1.94 0.55 -18.10
C PHE A 222 2.89 0.98 -19.25
N ASP A 223 2.41 1.83 -20.13
CA ASP A 223 3.19 2.33 -21.28
C ASP A 223 3.30 1.38 -22.43
N ARG A 224 2.58 0.27 -22.35
CA ARG A 224 2.56 -0.65 -23.43
C ARG A 224 1.10 -0.86 -23.78
N ASP A 225 0.32 -1.34 -22.81
CA ASP A 225 -1.09 -1.64 -23.02
C ASP A 225 -2.03 -0.56 -22.52
N PHE A 226 -1.59 0.20 -21.54
CA PHE A 226 -2.43 1.24 -20.98
C PHE A 226 -1.51 2.37 -20.55
N SER A 227 -2.00 3.61 -20.57
CA SER A 227 -1.16 4.75 -20.21
C SER A 227 -1.91 6.01 -19.80
N VAL A 228 -1.15 7.05 -19.48
CA VAL A 228 -1.68 8.36 -19.11
C VAL A 228 -0.98 9.37 -20.03
N PRO A 229 -1.57 9.59 -21.20
CA PRO A 229 -1.03 10.51 -22.21
C PRO A 229 -1.17 12.00 -21.90
N LYS A 230 -1.98 12.34 -20.91
CA LYS A 230 -2.14 13.76 -20.55
C LYS A 230 -2.44 13.84 -19.07
N ALA A 231 -2.01 14.92 -18.44
CA ALA A 231 -2.26 15.11 -17.03
C ALA A 231 -1.89 16.53 -16.66
N LYS A 232 -2.42 17.03 -15.56
CA LYS A 232 -2.07 18.36 -15.10
C LYS A 232 -2.63 18.57 -13.72
N LEU A 233 -1.98 19.43 -12.94
CA LEU A 233 -2.45 19.72 -11.60
C LEU A 233 -3.83 20.36 -11.69
N HIS A 234 -4.64 20.15 -10.65
CA HIS A 234 -5.98 20.71 -10.58
C HIS A 234 -6.29 20.79 -9.11
N GLY A 235 -5.77 21.83 -8.47
CA GLY A 235 -5.97 22.00 -7.04
C GLY A 235 -4.93 21.12 -6.40
N TRP A 236 -5.25 20.51 -5.27
CA TRP A 236 -4.32 19.60 -4.62
C TRP A 236 -4.71 18.25 -5.17
N GLY A 237 -4.57 18.12 -6.48
CA GLY A 237 -4.94 16.90 -7.16
C GLY A 237 -4.52 16.99 -8.62
N GLN A 238 -4.97 16.02 -9.40
CA GLN A 238 -4.60 15.96 -10.80
C GLN A 238 -5.76 15.60 -11.69
N ARG A 239 -5.77 16.15 -12.89
CA ARG A 239 -6.78 15.82 -13.87
C ARG A 239 -5.97 15.13 -14.96
N PHE A 240 -6.42 13.97 -15.42
CA PHE A 240 -5.66 13.21 -16.41
C PHE A 240 -6.53 12.38 -17.31
N THR A 241 -5.91 11.85 -18.36
CA THR A 241 -6.58 11.01 -19.33
C THR A 241 -5.95 9.63 -19.29
N TYR A 242 -6.80 8.60 -19.28
CA TYR A 242 -6.37 7.19 -19.25
C TYR A 242 -6.62 6.61 -20.63
N GLU A 243 -5.73 5.74 -21.08
CA GLU A 243 -5.89 5.12 -22.39
C GLU A 243 -5.42 3.67 -22.30
N ASP A 244 -6.16 2.79 -22.94
CA ASP A 244 -5.77 1.40 -23.00
C ASP A 244 -6.31 0.85 -24.33
N GLN A 245 -6.28 -0.47 -24.50
CA GLN A 245 -6.72 -1.07 -25.76
C GLN A 245 -8.18 -0.81 -26.12
N ASP A 246 -8.94 -0.22 -25.20
CA ASP A 246 -10.35 0.06 -25.46
C ASP A 246 -10.59 1.52 -25.76
N GLY A 247 -9.55 2.32 -25.66
CA GLY A 247 -9.73 3.73 -25.92
C GLY A 247 -9.32 4.58 -24.76
N ARG A 248 -9.84 5.80 -24.70
CA ARG A 248 -9.49 6.77 -23.67
C ARG A 248 -10.65 7.20 -22.80
N ILE A 249 -10.35 7.43 -21.53
CA ILE A 249 -11.34 7.96 -20.62
C ILE A 249 -10.70 9.30 -20.27
N SER A 250 -11.35 10.37 -20.70
CA SER A 250 -10.85 11.72 -20.50
C SER A 250 -11.37 12.36 -19.24
N ASP A 251 -10.77 13.48 -18.88
CA ASP A 251 -11.18 14.27 -17.73
C ASP A 251 -11.30 13.52 -16.40
N LEU A 252 -10.46 12.54 -16.15
CA LEU A 252 -10.51 11.84 -14.88
C LEU A 252 -9.83 12.76 -13.86
N GLU A 253 -10.20 12.64 -12.59
CA GLU A 253 -9.62 13.43 -11.53
C GLU A 253 -9.41 12.63 -10.26
N VAL A 254 -8.25 12.80 -9.66
CA VAL A 254 -7.88 12.11 -8.42
C VAL A 254 -7.38 13.17 -7.43
N PRO A 255 -7.81 13.10 -6.16
CA PRO A 255 -7.37 14.09 -5.16
C PRO A 255 -5.98 13.75 -4.61
N LEU A 256 -5.06 13.43 -5.51
CA LEU A 256 -3.69 13.08 -5.16
C LEU A 256 -2.70 13.81 -6.06
N VAL A 257 -1.57 14.24 -5.51
CA VAL A 257 -0.54 14.92 -6.34
C VAL A 257 0.64 13.99 -6.43
N GLY A 258 1.54 14.23 -7.37
CA GLY A 258 2.69 13.36 -7.53
C GLY A 258 2.50 12.62 -8.83
N ASP A 259 3.39 12.86 -9.78
CA ASP A 259 3.32 12.21 -11.09
C ASP A 259 3.17 10.71 -11.02
N TYR A 260 3.88 10.09 -10.09
CA TYR A 260 3.81 8.65 -9.94
C TYR A 260 2.40 8.14 -9.63
N GLN A 261 1.54 8.98 -9.08
CA GLN A 261 0.17 8.53 -8.81
C GLN A 261 -0.61 8.32 -10.12
N GLN A 262 -0.17 8.97 -11.20
CA GLN A 262 -0.84 8.76 -12.49
C GLN A 262 -0.64 7.29 -12.84
N ARG A 263 0.53 6.76 -12.49
CA ARG A 263 0.85 5.37 -12.75
C ARG A 263 0.04 4.46 -11.84
N ASN A 264 0.03 4.75 -10.55
CA ASN A 264 -0.72 3.94 -9.61
C ASN A 264 -2.19 3.89 -10.03
N MET A 265 -2.75 5.04 -10.38
CA MET A 265 -4.16 5.11 -10.79
C MET A 265 -4.44 4.36 -12.10
N ALA A 266 -3.55 4.49 -13.06
CA ALA A 266 -3.71 3.81 -14.35
C ALA A 266 -3.69 2.29 -14.08
N ILE A 267 -2.79 1.86 -13.21
CA ILE A 267 -2.72 0.46 -12.85
C ILE A 267 -4.03 0.04 -12.22
N ALA A 268 -4.55 0.86 -11.32
CA ALA A 268 -5.82 0.55 -10.67
C ALA A 268 -6.94 0.40 -11.70
N ILE A 269 -7.03 1.36 -12.62
CA ILE A 269 -8.07 1.33 -13.64
C ILE A 269 -7.96 0.08 -14.52
N GLN A 270 -6.77 -0.19 -15.05
CA GLN A 270 -6.59 -1.37 -15.88
C GLN A 270 -6.96 -2.61 -15.10
N THR A 271 -6.49 -2.67 -13.85
CA THR A 271 -6.79 -3.81 -12.99
C THR A 271 -8.30 -4.02 -12.80
N ALA A 272 -9.02 -2.96 -12.43
CA ALA A 272 -10.46 -3.10 -12.25
C ALA A 272 -11.14 -3.54 -13.54
N LYS A 273 -10.70 -3.03 -14.69
CA LYS A 273 -11.32 -3.45 -15.95
C LYS A 273 -11.09 -4.95 -16.18
N VAL A 274 -9.89 -5.41 -15.86
CA VAL A 274 -9.58 -6.82 -16.04
C VAL A 274 -10.48 -7.64 -15.10
N TYR A 275 -10.65 -7.16 -13.88
CA TYR A 275 -11.49 -7.86 -12.91
C TYR A 275 -12.90 -8.02 -13.45
N ALA A 276 -13.48 -6.89 -13.86
CA ALA A 276 -14.84 -6.83 -14.38
C ALA A 276 -15.00 -7.77 -15.56
N LYS A 277 -13.98 -7.82 -16.41
CA LYS A 277 -14.03 -8.68 -17.57
C LYS A 277 -13.97 -10.16 -17.20
N GLN A 278 -13.01 -10.52 -16.38
CA GLN A 278 -12.84 -11.91 -15.96
C GLN A 278 -14.05 -12.43 -15.19
N THR A 279 -14.85 -11.52 -14.65
CA THR A 279 -16.02 -11.92 -13.89
C THR A 279 -17.31 -11.59 -14.61
N GLU A 280 -17.19 -11.11 -15.84
CA GLU A 280 -18.37 -10.75 -16.61
C GLU A 280 -19.25 -9.73 -15.85
N TRP A 281 -18.60 -8.72 -15.27
CA TRP A 281 -19.30 -7.68 -14.52
C TRP A 281 -19.23 -6.34 -15.25
N PRO A 282 -20.30 -5.55 -15.24
CA PRO A 282 -20.32 -4.25 -15.90
C PRO A 282 -19.45 -3.16 -15.25
N LEU A 283 -18.65 -2.45 -16.04
CA LEU A 283 -17.84 -1.36 -15.48
C LEU A 283 -17.78 -0.18 -16.49
N THR A 284 -18.42 0.92 -16.13
CA THR A 284 -18.50 2.10 -17.00
C THR A 284 -17.47 3.16 -16.70
N PRO A 285 -17.23 4.06 -17.67
CA PRO A 285 -16.25 5.14 -17.46
C PRO A 285 -16.79 6.03 -16.33
N GLN A 286 -18.10 6.05 -16.16
CA GLN A 286 -18.70 6.85 -15.09
C GLN A 286 -18.29 6.22 -13.74
N ASN A 287 -18.36 4.88 -13.64
CA ASN A 287 -17.96 4.18 -12.39
C ASN A 287 -16.51 4.55 -12.03
N ILE A 288 -15.64 4.42 -13.03
CA ILE A 288 -14.21 4.73 -12.89
C ILE A 288 -13.93 6.18 -12.44
N ARG A 289 -14.61 7.12 -13.11
CA ARG A 289 -14.45 8.54 -12.82
C ARG A 289 -14.89 8.83 -11.39
N GLN A 290 -15.99 8.20 -10.99
CA GLN A 290 -16.49 8.39 -9.64
C GLN A 290 -15.52 7.81 -8.60
N GLY A 291 -15.07 6.56 -8.82
CA GLY A 291 -14.14 5.96 -7.90
C GLY A 291 -12.82 6.74 -7.75
N LEU A 292 -12.26 7.24 -8.85
CA LEU A 292 -11.02 7.98 -8.77
C LEU A 292 -11.21 9.27 -8.00
N ALA A 293 -12.36 9.88 -8.19
CA ALA A 293 -12.68 11.13 -7.52
C ALA A 293 -12.73 10.95 -6.00
N ALA A 294 -13.05 9.73 -5.57
CA ALA A 294 -13.18 9.41 -4.15
C ALA A 294 -11.92 8.80 -3.59
N SER A 295 -10.91 8.66 -4.42
CA SER A 295 -9.67 8.02 -4.01
C SER A 295 -8.70 8.80 -3.11
N HIS A 296 -9.22 9.24 -1.96
CA HIS A 296 -8.44 9.95 -0.95
C HIS A 296 -7.57 8.92 -0.25
N TRP A 297 -6.32 9.29 0.02
CA TRP A 297 -5.38 8.37 0.66
C TRP A 297 -4.46 9.19 1.56
N PRO A 298 -4.70 9.18 2.87
CA PRO A 298 -3.89 9.94 3.83
C PRO A 298 -2.38 9.63 3.84
N ALA A 299 -1.62 10.64 4.23
CA ALA A 299 -0.16 10.54 4.34
C ALA A 299 0.58 10.31 3.03
N ARG A 300 -0.10 10.57 1.91
CA ARG A 300 0.51 10.44 0.58
C ARG A 300 0.50 11.84 -0.03
N LEU A 301 1.64 12.54 0.13
CA LEU A 301 1.77 13.93 -0.32
C LEU A 301 0.52 14.66 0.10
N GLU A 302 0.25 14.60 1.40
CA GLU A 302 -0.93 15.23 1.97
C GLU A 302 -0.60 16.51 2.69
N LYS A 303 -1.26 17.58 2.27
CA LYS A 303 -1.10 18.86 2.93
C LYS A 303 -2.04 18.77 4.13
N ILE A 304 -1.49 18.83 5.34
CA ILE A 304 -2.32 18.73 6.53
C ILE A 304 -2.40 20.03 7.35
N SER A 305 -1.74 21.07 6.85
CA SER A 305 -1.74 22.37 7.54
C SER A 305 -1.44 23.43 6.48
N ASP A 306 -2.15 24.56 6.55
CA ASP A 306 -1.93 25.65 5.59
C ASP A 306 -1.02 26.72 6.16
N THR A 307 -1.19 27.06 7.43
CA THR A 307 -0.33 28.05 8.04
C THR A 307 0.07 27.51 9.41
N PRO A 308 1.30 26.96 9.53
CA PRO A 308 2.29 26.85 8.46
C PRO A 308 1.92 25.80 7.43
N LEU A 309 2.55 25.87 6.26
CA LEU A 309 2.29 24.90 5.21
C LEU A 309 3.07 23.60 5.55
N ILE A 310 2.35 22.52 5.85
CA ILE A 310 2.95 21.23 6.19
C ILE A 310 2.39 20.09 5.34
N VAL A 311 3.28 19.35 4.71
CA VAL A 311 2.89 18.21 3.89
C VAL A 311 3.59 17.00 4.48
N ILE A 312 2.90 15.87 4.51
CA ILE A 312 3.47 14.64 5.01
C ILE A 312 3.48 13.60 3.90
N ASP A 313 4.48 12.72 3.90
CA ASP A 313 4.58 11.71 2.87
C ASP A 313 5.29 10.48 3.42
N GLY A 314 5.13 9.35 2.77
CA GLY A 314 5.74 8.13 3.24
C GLY A 314 6.96 7.67 2.44
N ALA A 315 7.61 8.57 1.73
CA ALA A 315 8.76 8.19 0.92
C ALA A 315 9.94 7.96 1.83
N HIS A 316 10.51 6.76 1.76
CA HIS A 316 11.65 6.46 2.60
C HIS A 316 12.72 5.55 1.98
N ASN A 317 12.46 5.03 0.78
CA ASN A 317 13.46 4.24 0.03
C ASN A 317 13.90 5.17 -1.12
N PRO A 318 15.08 4.92 -1.72
CA PRO A 318 15.52 5.81 -2.80
C PRO A 318 14.58 6.12 -3.96
N ASP A 319 13.74 5.16 -4.34
CA ASP A 319 12.81 5.36 -5.44
C ASP A 319 11.75 6.38 -5.02
N GLY A 320 11.22 6.17 -3.82
CA GLY A 320 10.22 7.07 -3.29
C GLY A 320 10.82 8.45 -3.09
N ILE A 321 12.09 8.48 -2.66
CA ILE A 321 12.76 9.77 -2.43
C ILE A 321 12.89 10.47 -3.78
N ASN A 322 13.21 9.72 -4.81
CA ASN A 322 13.31 10.27 -6.15
C ASN A 322 11.95 10.80 -6.61
N GLY A 323 10.90 10.05 -6.32
CA GLY A 323 9.56 10.46 -6.73
C GLY A 323 9.14 11.69 -5.97
N LEU A 324 9.54 11.73 -4.71
CA LEU A 324 9.22 12.84 -3.84
C LEU A 324 9.85 14.14 -4.34
N ILE A 325 11.14 14.09 -4.65
CA ILE A 325 11.84 15.27 -5.11
C ILE A 325 11.22 15.82 -6.39
N THR A 326 11.01 14.93 -7.36
CA THR A 326 10.43 15.35 -8.62
C THR A 326 9.11 16.07 -8.37
N ALA A 327 8.28 15.48 -7.50
CA ALA A 327 6.99 16.06 -7.14
C ALA A 327 7.09 17.43 -6.47
N LEU A 328 7.85 17.49 -5.38
CA LEU A 328 8.04 18.72 -4.64
C LEU A 328 8.51 19.83 -5.57
N LYS A 329 9.38 19.46 -6.52
CA LYS A 329 9.92 20.39 -7.52
C LYS A 329 8.79 21.00 -8.37
N GLN A 330 7.77 20.20 -8.68
CA GLN A 330 6.61 20.67 -9.46
C GLN A 330 5.59 21.38 -8.55
N LEU A 331 5.54 21.03 -7.27
CA LEU A 331 4.58 21.63 -6.35
C LEU A 331 5.00 22.97 -5.71
N PHE A 332 6.30 23.18 -5.59
CA PHE A 332 6.78 24.40 -4.97
C PHE A 332 7.79 25.12 -5.84
N SER A 333 7.67 26.44 -5.92
CA SER A 333 8.64 27.18 -6.68
C SER A 333 9.18 28.23 -5.71
N GLN A 334 9.56 27.73 -4.53
CA GLN A 334 10.09 28.52 -3.40
C GLN A 334 10.95 27.59 -2.54
N PRO A 335 11.74 28.16 -1.60
CA PRO A 335 12.58 27.30 -0.75
C PRO A 335 11.70 26.58 0.27
N ILE A 336 11.99 25.31 0.46
CA ILE A 336 11.23 24.52 1.42
C ILE A 336 12.18 23.77 2.33
N THR A 337 11.62 23.30 3.44
CA THR A 337 12.36 22.52 4.40
C THR A 337 11.85 21.10 4.25
N VAL A 338 12.74 20.12 4.38
CA VAL A 338 12.34 18.73 4.36
C VAL A 338 12.91 18.08 5.63
N ILE A 339 12.04 17.42 6.38
CA ILE A 339 12.44 16.73 7.58
C ILE A 339 12.29 15.26 7.19
N ALA A 340 13.40 14.51 7.19
CA ALA A 340 13.37 13.11 6.80
C ALA A 340 13.74 12.16 7.95
N GLY A 341 12.96 11.08 8.07
CA GLY A 341 13.24 10.08 9.09
C GLY A 341 13.80 8.90 8.33
N ILE A 342 14.99 9.13 7.66
CA ILE A 342 15.58 8.04 6.86
C ILE A 342 16.80 7.45 7.58
N LEU A 343 16.96 7.86 8.80
CA LEU A 343 18.08 7.41 9.63
C LEU A 343 18.02 5.87 9.83
N ALA A 344 17.16 5.20 9.04
CA ALA A 344 16.94 3.71 9.15
C ALA A 344 17.70 2.84 8.10
N ASP A 345 17.45 3.05 6.83
CA ASP A 345 18.12 2.25 5.78
C ASP A 345 19.56 2.70 5.56
N LYS A 346 20.40 1.78 5.12
CA LYS A 346 21.77 2.12 4.81
C LYS A 346 21.61 3.18 3.76
N ASP A 347 20.60 2.86 2.98
CA ASP A 347 20.10 3.65 1.89
C ASP A 347 20.25 5.10 2.24
N TYR A 348 19.96 5.33 3.52
CA TYR A 348 20.01 6.63 4.19
C TYR A 348 21.00 7.56 3.48
N ALA A 349 22.33 7.52 3.60
CA ALA A 349 23.30 8.51 3.14
C ALA A 349 23.09 9.01 1.72
N ALA A 350 22.75 8.12 0.81
CA ALA A 350 22.60 8.55 -0.57
C ALA A 350 21.32 9.34 -0.74
N MET A 351 20.28 8.92 -0.03
CA MET A 351 19.00 9.60 -0.11
C MET A 351 19.15 11.01 0.44
N ALA A 352 19.90 11.15 1.52
CA ALA A 352 20.11 12.44 2.12
C ALA A 352 20.92 13.34 1.17
N ASP A 353 21.91 12.77 0.47
CA ASP A 353 22.71 13.56 -0.47
C ASP A 353 21.77 14.15 -1.52
N ARG A 354 20.80 13.32 -1.92
CA ARG A 354 19.82 13.70 -2.95
C ARG A 354 18.86 14.78 -2.47
N LEU A 355 18.51 14.73 -1.18
CA LEU A 355 17.61 15.70 -0.58
C LEU A 355 18.32 17.04 -0.38
N THR A 356 19.45 17.00 0.32
CA THR A 356 20.21 18.23 0.58
C THR A 356 20.73 18.80 -0.75
N ALA A 357 20.83 17.96 -1.78
CA ALA A 357 21.30 18.44 -3.08
C ALA A 357 20.18 19.21 -3.77
N ALA A 358 18.94 18.85 -3.46
CA ALA A 358 17.80 19.48 -4.10
C ALA A 358 17.00 20.53 -3.30
N PHE A 359 17.11 20.51 -1.98
CA PHE A 359 16.33 21.46 -1.22
C PHE A 359 17.10 22.41 -0.31
N SER A 360 16.45 23.49 0.07
CA SER A 360 17.12 24.49 0.88
C SER A 360 17.51 24.12 2.29
N THR A 361 16.61 23.44 3.01
CA THR A 361 16.88 23.05 4.40
C THR A 361 16.41 21.60 4.63
N VAL A 362 17.32 20.72 5.08
CA VAL A 362 17.00 19.31 5.32
C VAL A 362 17.39 18.86 6.71
N TYR A 363 16.45 18.28 7.43
CA TYR A 363 16.74 17.79 8.77
C TYR A 363 16.51 16.29 8.75
N LEU A 364 17.41 15.57 9.42
CA LEU A 364 17.33 14.11 9.49
C LEU A 364 16.99 13.71 10.90
N VAL A 365 15.95 12.89 11.04
CA VAL A 365 15.51 12.45 12.33
C VAL A 365 15.23 10.95 12.36
N PRO A 366 15.11 10.38 13.56
CA PRO A 366 14.82 8.95 13.75
C PRO A 366 13.31 8.75 13.51
N VAL A 367 12.85 7.51 13.54
CA VAL A 367 11.43 7.25 13.40
C VAL A 367 10.92 6.95 14.80
N PRO A 368 9.71 7.42 15.14
CA PRO A 368 9.18 7.14 16.48
C PRO A 368 9.04 5.60 16.66
N GLY A 369 9.80 5.04 17.60
CA GLY A 369 9.74 3.61 17.80
C GLY A 369 10.67 2.97 16.78
N THR A 370 11.94 3.36 16.82
CA THR A 370 12.96 2.81 15.91
C THR A 370 13.86 1.83 16.64
N ARG A 386 21.72 19.29 10.75
CA ARG A 386 20.78 18.48 9.98
C ARG A 386 20.16 17.50 10.93
N LEU A 387 21.02 16.80 11.67
CA LEU A 387 20.54 15.82 12.62
C LEU A 387 19.75 16.50 13.74
N LYS A 388 18.60 15.92 14.07
CA LYS A 388 17.73 16.37 15.14
C LYS A 388 17.32 15.06 15.79
N ASP A 389 16.94 15.13 17.06
CA ASP A 389 16.58 13.94 17.82
C ASP A 389 15.18 13.40 17.53
N SER A 390 14.28 14.27 17.08
CA SER A 390 12.91 13.89 16.77
C SER A 390 12.36 14.85 15.73
N TRP A 391 11.27 14.47 15.06
CA TRP A 391 10.65 15.33 14.07
C TRP A 391 10.09 16.58 14.74
N GLN A 392 9.60 16.45 15.97
CA GLN A 392 9.06 17.61 16.68
C GLN A 392 10.16 18.68 16.80
N GLU A 393 11.38 18.25 17.11
CA GLU A 393 12.50 19.19 17.26
C GLU A 393 12.90 19.85 15.97
N ALA A 394 12.83 19.09 14.88
CA ALA A 394 13.20 19.60 13.57
C ALA A 394 12.15 20.59 13.09
N LEU A 395 10.89 20.32 13.42
CA LEU A 395 9.83 21.22 13.00
C LEU A 395 9.96 22.55 13.73
N ALA A 396 10.20 22.46 15.04
CA ALA A 396 10.35 23.64 15.85
C ALA A 396 11.52 24.43 15.30
N ALA A 397 12.59 23.72 14.93
CA ALA A 397 13.77 24.35 14.37
C ALA A 397 13.41 25.14 13.13
N SER A 398 12.77 24.45 12.17
CA SER A 398 12.35 25.05 10.91
C SER A 398 11.47 26.30 11.07
N LEU A 399 10.43 26.20 11.89
CA LEU A 399 9.54 27.33 12.12
C LEU A 399 10.27 28.50 12.79
N ASN A 400 11.50 28.29 13.23
CA ASN A 400 12.15 29.39 13.94
C ASN A 400 13.29 29.99 13.16
N ASP A 401 13.92 29.16 12.34
CA ASP A 401 15.07 29.59 11.57
C ASP A 401 14.72 29.82 10.10
N VAL A 402 13.65 29.19 9.63
CA VAL A 402 13.24 29.35 8.24
C VAL A 402 11.73 29.45 8.14
N PRO A 403 11.14 30.36 8.94
CA PRO A 403 9.69 30.60 8.98
C PRO A 403 9.00 30.74 7.63
N ASP A 404 9.72 31.21 6.62
CA ASP A 404 9.13 31.40 5.29
C ASP A 404 9.10 30.10 4.46
N GLN A 405 9.64 29.02 5.03
CA GLN A 405 9.70 27.77 4.29
C GLN A 405 8.64 26.75 4.65
N PRO A 406 7.91 26.28 3.65
CA PRO A 406 6.88 25.27 3.93
C PRO A 406 7.68 24.05 4.44
N ILE A 407 7.02 23.14 5.16
CA ILE A 407 7.71 21.97 5.70
C ILE A 407 7.11 20.68 5.13
N VAL A 408 7.98 19.82 4.61
CA VAL A 408 7.58 18.51 4.10
C VAL A 408 8.22 17.46 5.03
N ILE A 409 7.38 16.65 5.65
CA ILE A 409 7.86 15.62 6.57
C ILE A 409 7.71 14.27 5.88
N THR A 410 8.82 13.55 5.70
CA THR A 410 8.79 12.27 4.98
C THR A 410 9.64 11.20 5.64
N GLY A 411 9.32 9.94 5.34
CA GLY A 411 10.03 8.79 5.91
C GLY A 411 9.07 7.64 5.83
N SER A 412 9.20 6.59 6.62
CA SER A 412 8.22 5.50 6.53
C SER A 412 6.85 6.14 6.79
N LEU A 413 5.78 5.41 6.52
CA LEU A 413 4.43 5.92 6.78
C LEU A 413 4.21 6.03 8.30
N TYR A 414 5.03 5.31 9.06
CA TYR A 414 4.98 5.35 10.54
C TYR A 414 5.30 6.76 11.07
N LEU A 415 6.25 7.43 10.43
CA LEU A 415 6.56 8.77 10.84
C LEU A 415 5.40 9.68 10.40
N ALA A 416 4.99 9.55 9.15
CA ALA A 416 3.90 10.38 8.62
C ALA A 416 2.67 10.21 9.51
N SER A 417 2.38 8.96 9.85
CA SER A 417 1.26 8.61 10.69
C SER A 417 1.37 9.27 12.07
N ALA A 418 2.54 9.13 12.71
CA ALA A 418 2.73 9.76 14.02
C ALA A 418 2.51 11.26 13.94
N VAL A 419 2.96 11.87 12.84
CA VAL A 419 2.76 13.30 12.66
C VAL A 419 1.29 13.66 12.46
N ARG A 420 0.60 12.87 11.63
CA ARG A 420 -0.81 13.12 11.36
C ARG A 420 -1.66 12.98 12.62
N GLN A 421 -1.40 11.90 13.36
CA GLN A 421 -2.11 11.63 14.60
C GLN A 421 -1.93 12.80 15.57
N THR A 422 -0.69 13.27 15.66
CA THR A 422 -0.33 14.37 16.57
C THR A 422 -0.95 15.70 16.19
N LEU A 423 -0.84 16.06 14.92
CA LEU A 423 -1.37 17.35 14.44
C LEU A 423 -2.86 17.36 14.12
N LEU A 424 -3.42 16.20 13.77
CA LEU A 424 -4.83 16.18 13.46
C LEU A 424 -5.72 15.39 14.39
N GLY A 425 -5.32 14.18 14.76
CA GLY A 425 -6.16 13.39 15.66
C GLY A 425 -5.63 13.23 17.08
MG MG B . 7.57 -0.37 2.40
MG MG C . 0.94 0.15 2.18
PG ACQ D . 4.20 0.27 2.51
O1G ACQ D . 5.26 -0.63 1.92
O2G ACQ D . 2.90 -0.41 2.81
O3G ACQ D . 4.71 1.22 3.74
PB ACQ D . 2.91 1.20 -0.30
O1B ACQ D . 1.55 0.70 0.03
O2B ACQ D . 3.76 0.45 -1.29
C3B ACQ D . 3.72 1.43 1.27
PA ACQ D . 1.68 3.70 -0.85
O1A ACQ D . 0.91 3.74 0.42
O2A ACQ D . 0.90 3.55 -2.09
O3A ACQ D . 2.83 2.69 -0.65
O5' ACQ D . 2.64 4.96 -1.01
C5' ACQ D . 3.50 5.37 0.10
C4' ACQ D . 4.60 6.28 -0.38
O4' ACQ D . 5.33 5.58 -1.42
C3' ACQ D . 4.09 7.52 -1.01
O3' ACQ D . 3.88 8.51 0.01
C2' ACQ D . 5.18 7.88 -1.98
O2' ACQ D . 6.30 8.49 -1.31
C1' ACQ D . 5.71 6.50 -2.49
N9 ACQ D . 5.13 5.99 -3.79
C8 ACQ D . 3.90 5.43 -4.04
N7 ACQ D . 3.68 5.04 -5.27
C5 ACQ D . 4.85 5.37 -5.89
C6 ACQ D . 5.31 5.20 -7.23
N6 ACQ D . 4.51 4.63 -8.17
N1 ACQ D . 6.57 5.64 -7.56
C2 ACQ D . 7.34 6.20 -6.62
N3 ACQ D . 7.04 6.41 -5.31
C4 ACQ D . 5.76 5.95 -5.01
PD ACQ D . 6.04 1.81 4.46
O1D ACQ D . 7.13 1.53 3.45
O2D ACQ D . 5.84 3.30 4.72
O3D ACQ D . 6.26 1.08 5.77
N1 TMF E . 1.82 2.60 13.95
C2 TMF E . 1.18 3.08 12.81
NA2 TMF E . 0.97 4.36 12.46
N3 TMF E . 0.66 2.16 11.89
C4 TMF E . 0.76 0.76 12.09
O4 TMF E . 0.10 -0.16 11.13
C4A TMF E . 1.49 0.30 13.31
N5 TMF E . 1.58 -1.02 13.50
C6 TMF E . 1.79 -1.46 14.91
C7 TMF E . 2.95 -0.49 15.59
N8 TMF E . 2.67 0.97 15.42
C8A TMF E . 2.00 1.32 14.24
C9 TMF E . 2.12 -2.94 14.59
N10 TMF E . 3.12 -2.84 13.51
C11 TMF E . 4.41 -6.45 11.45
C12 TMF E . 3.91 -6.48 12.80
C13 TMF E . 3.47 -5.31 13.54
C14 TMF E . 3.57 -4.05 12.82
C15 TMF E . 4.08 -4.01 11.46
C16 TMF E . 4.51 -5.19 10.74
C TMF E . 4.82 -7.78 10.82
O TMF E . 4.46 -8.89 11.36
N TMF E . 5.57 -7.65 9.67
CP1 TMF E . 2.62 -1.71 12.66
#